data_7CL1
#
_entry.id   7CL1
#
_cell.length_a   162.807
_cell.length_b   162.807
_cell.length_c   162.807
_cell.angle_alpha   90.000
_cell.angle_beta   90.000
_cell.angle_gamma   90.000
#
_symmetry.space_group_name_H-M   'P 41 3 2'
#
loop_
_entity.id
_entity.type
_entity.pdbx_description
1 polymer 'NAD-dependent protein deacetylase sirtuin-6'
2 polymer THR-ALA-ARG-LYS-SER-THR-GLY-GLY
3 non-polymer '[(2R,3S,4R,5R)-5-(6-AMINOPURIN-9-YL)-3,4-DIHYDROXY-OXOLAN-2-YL]METHYL[HYDROXY-[[(2R,3S,4R,5S)-3,4,5-TRIHYDROXYOXOLAN-2-YL]METHOXY]PHOSPHORYL] HYDROGEN PHOSPHATE'
4 non-polymer 'ZINC ION'
5 non-polymer '5-[[3,5-bis(chloranyl)phenyl]sulfonylamino]-2-[(5-bromanyl-4-fluoranyl-2-methyl-phenyl)sulfamoyl]benzoic acid'
6 non-polymer GLYCEROL
7 non-polymer 'SULFATE ION'
8 non-polymer DI(HYDROXYETHYL)ETHER
9 non-polymer hexadecanethial
10 water water
#
loop_
_entity_poly.entity_id
_entity_poly.type
_entity_poly.pdbx_seq_one_letter_code
_entity_poly.pdbx_strand_id
1 'polypeptide(L)'
;MSVNYAAGLSPYADKGKCGLPEIFDPPEELERKVWELARLVWQSSSVVFHTGAGISTASGIPDFRGPHGVWTMEERGLAP
KFDTTFESARPTQTHMALVQLERVGLLRFLVSQNVDGLHVRSGFPRDKLAELHGNMFVEECAKCKTQYVRDTVVGTMGLK
ATGRLCTVAKARGLRACRGELRDTILDWEDSLPDRDLALADEASRNADLSITLGTSLQIRPSGNLPLATKRRGGRLVIVN
LQPTKHDRHADLRIHGYVDEVMTRLMKHLGLEIPAWDGPRVLERALPPLPRPPTPKLEPKEESPTRINGSIPAGPKQEPC
AQHNGSEPASPKRERPTSPAPHRPPKRVKAKAVPS
;
A
2 'polypeptide(L)' QTARKSTGG C
#
# COMPACT_ATOMS: atom_id res chain seq x y z
N ASN A 4 6.97 -18.53 -11.44
CA ASN A 4 6.11 -17.33 -11.19
C ASN A 4 6.35 -16.15 -12.15
N TYR A 5 7.60 -15.96 -12.60
CA TYR A 5 7.89 -15.06 -13.74
C TYR A 5 7.99 -15.82 -15.09
N ALA A 6 7.30 -16.97 -15.16
CA ALA A 6 6.73 -17.45 -16.41
C ALA A 6 5.63 -16.49 -16.93
N ALA A 7 5.16 -15.58 -16.07
CA ALA A 7 4.33 -14.41 -16.48
C ALA A 7 5.04 -13.31 -17.32
N GLY A 8 6.28 -13.56 -17.75
CA GLY A 8 6.96 -12.71 -18.74
C GLY A 8 7.99 -11.74 -18.17
N LEU A 9 8.18 -11.78 -16.85
CA LEU A 9 8.96 -10.76 -16.14
C LEU A 9 10.43 -11.14 -16.03
N SER A 10 11.24 -10.17 -15.60
CA SER A 10 12.67 -10.32 -15.48
C SER A 10 13.07 -11.35 -14.42
N PRO A 11 13.95 -12.31 -14.79
CA PRO A 11 14.59 -13.19 -13.83
C PRO A 11 15.90 -12.63 -13.24
N TYR A 12 16.19 -11.35 -13.50
CA TYR A 12 17.43 -10.73 -13.07
C TYR A 12 17.23 -9.86 -11.84
N ALA A 13 16.25 -10.19 -11.01
CA ALA A 13 15.87 -9.29 -9.94
C ALA A 13 16.60 -9.67 -8.66
N ASP A 14 16.95 -8.65 -7.87
CA ASP A 14 17.42 -8.87 -6.51
C ASP A 14 16.18 -9.05 -5.66
N LYS A 15 15.89 -10.30 -5.29
CA LYS A 15 14.76 -10.57 -4.41
C LYS A 15 14.89 -9.97 -3.00
N GLY A 16 16.09 -9.48 -2.63
CA GLY A 16 16.34 -8.93 -1.31
C GLY A 16 16.50 -10.02 -0.26
N LYS A 17 16.40 -9.65 1.00
CA LYS A 17 16.59 -10.56 2.09
C LYS A 17 15.26 -11.24 2.42
N CYS A 18 15.15 -12.52 2.05
CA CYS A 18 13.92 -13.28 2.27
C CYS A 18 13.96 -14.16 3.50
N GLY A 19 12.79 -14.40 4.07
CA GLY A 19 12.59 -15.44 5.07
C GLY A 19 13.21 -15.20 6.43
N LEU A 20 13.32 -13.94 6.86
CA LEU A 20 13.75 -13.64 8.23
C LEU A 20 12.66 -14.09 9.19
N PRO A 21 13.03 -14.35 10.45
CA PRO A 21 12.01 -14.86 11.35
C PRO A 21 11.15 -13.73 11.93
N GLU A 22 9.88 -14.05 12.15
CA GLU A 22 8.90 -13.08 12.64
C GLU A 22 9.07 -12.89 14.14
N ILE A 23 9.31 -11.64 14.56
CA ILE A 23 9.23 -11.22 15.95
C ILE A 23 7.76 -10.94 16.31
N PHE A 24 7.40 -11.23 17.57
CA PHE A 24 6.09 -10.85 18.18
C PHE A 24 6.28 -10.13 19.51
N ASP A 25 5.77 -8.90 19.63
CA ASP A 25 5.80 -8.19 20.91
C ASP A 25 4.85 -8.90 21.87
N PRO A 26 5.24 -9.02 23.16
CA PRO A 26 4.30 -9.66 24.08
C PRO A 26 3.09 -8.73 24.33
N PRO A 27 1.90 -9.30 24.61
CA PRO A 27 0.63 -8.55 24.54
C PRO A 27 0.52 -7.33 25.47
N GLU A 28 1.28 -7.35 26.55
CA GLU A 28 1.41 -6.22 27.45
C GLU A 28 2.09 -5.00 26.79
N GLU A 29 3.22 -5.26 26.17
CA GLU A 29 4.00 -4.23 25.46
C GLU A 29 3.31 -3.74 24.18
N LEU A 30 2.55 -4.63 23.53
CA LEU A 30 1.76 -4.25 22.37
C LEU A 30 0.72 -3.18 22.72
N GLU A 31 -0.14 -3.48 23.70
CA GLU A 31 -1.20 -2.56 24.13
C GLU A 31 -0.63 -1.21 24.51
N ARG A 32 0.50 -1.25 25.23
CA ARG A 32 1.25 -0.05 25.62
C ARG A 32 1.68 0.76 24.38
N LYS A 33 2.15 0.05 23.36
CA LYS A 33 2.64 0.68 22.12
C LYS A 33 1.53 1.25 21.23
N VAL A 34 0.45 0.50 21.07
CA VAL A 34 -0.64 0.93 20.19
C VAL A 34 -1.30 2.19 20.76
N TRP A 35 -1.45 2.23 22.09
CA TRP A 35 -1.86 3.46 22.79
C TRP A 35 -0.98 4.63 22.39
N GLU A 36 0.34 4.45 22.43
CA GLU A 36 1.27 5.50 21.99
C GLU A 36 1.00 5.97 20.54
N LEU A 37 0.77 5.02 19.64
CA LEU A 37 0.44 5.33 18.23
C LEU A 37 -0.82 6.19 18.12
N ALA A 38 -1.87 5.79 18.81
CA ALA A 38 -3.14 6.51 18.85
C ALA A 38 -2.95 7.95 19.30
N ARG A 39 -2.18 8.16 20.36
CA ARG A 39 -1.87 9.52 20.81
C ARG A 39 -1.14 10.23 19.68
N LEU A 40 -0.12 9.58 19.13
CA LEU A 40 0.63 10.09 17.99
C LEU A 40 -0.21 10.45 16.75
N VAL A 41 -1.23 9.65 16.45
CA VAL A 41 -2.09 9.95 15.31
C VAL A 41 -2.86 11.22 15.62
N TRP A 42 -3.64 11.20 16.69
CA TRP A 42 -4.49 12.34 17.10
C TRP A 42 -3.70 13.65 17.26
N GLN A 43 -2.56 13.53 17.92
CA GLN A 43 -1.64 14.65 18.17
C GLN A 43 -1.02 15.26 16.90
N SER A 44 -0.94 14.51 15.82
CA SER A 44 -0.24 14.94 14.59
C SER A 44 -1.19 15.46 13.52
N SER A 45 -0.84 16.58 12.89
CA SER A 45 -1.73 17.20 11.90
C SER A 45 -1.80 16.41 10.58
N SER A 46 -0.66 16.26 9.91
CA SER A 46 -0.53 15.49 8.63
C SER A 46 0.10 14.09 8.80
N VAL A 47 -0.69 13.05 8.52
CA VAL A 47 -0.33 11.66 8.78
C VAL A 47 -0.37 10.84 7.49
N VAL A 48 0.77 10.29 7.08
CA VAL A 48 0.84 9.45 5.87
C VAL A 48 1.07 7.99 6.25
N PHE A 49 0.32 7.10 5.60
CA PHE A 49 0.48 5.66 5.78
C PHE A 49 1.19 5.04 4.55
N HIS A 50 2.03 4.05 4.80
CA HIS A 50 2.74 3.33 3.75
C HIS A 50 2.43 1.84 3.89
N THR A 51 1.70 1.28 2.94
CA THR A 51 1.36 -0.14 2.97
C THR A 51 2.22 -0.98 2.04
N GLY A 52 2.41 -2.24 2.43
CA GLY A 52 3.01 -3.29 1.61
C GLY A 52 2.28 -4.62 1.78
N ALA A 53 2.84 -5.66 1.18
CA ALA A 53 2.19 -6.98 1.13
C ALA A 53 1.66 -7.52 2.46
N GLY A 54 2.28 -7.09 3.56
CA GLY A 54 1.90 -7.51 4.89
C GLY A 54 0.48 -7.22 5.33
N ILE A 55 -0.15 -6.21 4.75
CA ILE A 55 -1.55 -5.88 5.09
C ILE A 55 -2.59 -6.67 4.32
N SER A 56 -2.19 -7.33 3.24
CA SER A 56 -3.08 -8.22 2.50
C SER A 56 -2.89 -9.72 2.81
N THR A 57 -2.05 -10.06 3.78
CA THR A 57 -1.81 -11.48 4.10
C THR A 57 -3.07 -12.09 4.72
N ALA A 58 -3.69 -11.35 5.63
CA ALA A 58 -4.96 -11.74 6.24
C ALA A 58 -6.05 -12.14 5.24
N SER A 59 -6.06 -11.55 4.05
CA SER A 59 -7.04 -11.91 3.03
C SER A 59 -6.65 -13.13 2.20
N GLY A 60 -5.49 -13.72 2.47
CA GLY A 60 -5.05 -14.93 1.78
C GLY A 60 -4.17 -14.69 0.57
N ILE A 61 -3.55 -13.52 0.52
CA ILE A 61 -2.56 -13.20 -0.50
C ILE A 61 -1.22 -13.23 0.21
N PRO A 62 -0.26 -14.00 -0.30
CA PRO A 62 1.00 -14.10 0.40
C PRO A 62 1.85 -12.82 0.28
N ASP A 63 2.77 -12.66 1.21
CA ASP A 63 3.80 -11.61 1.12
C ASP A 63 4.90 -12.09 0.19
N PHE A 64 5.92 -11.27 0.01
CA PHE A 64 7.03 -11.60 -0.88
C PHE A 64 8.20 -12.19 -0.15
N ARG A 65 8.49 -11.65 1.03
CA ARG A 65 9.72 -11.94 1.77
C ARG A 65 9.45 -12.49 3.17
N GLY A 66 8.20 -12.80 3.49
CA GLY A 66 7.89 -13.48 4.75
C GLY A 66 8.34 -14.94 4.79
N PRO A 67 8.14 -15.64 5.93
CA PRO A 67 8.35 -17.06 6.10
C PRO A 67 7.78 -17.94 5.00
N HIS A 68 6.63 -17.56 4.44
CA HIS A 68 6.09 -18.25 3.26
C HIS A 68 5.76 -17.20 2.22
N GLY A 69 6.74 -16.33 1.99
CA GLY A 69 6.63 -15.29 0.99
C GLY A 69 6.85 -15.88 -0.39
N VAL A 70 6.51 -15.13 -1.43
CA VAL A 70 6.67 -15.63 -2.79
C VAL A 70 8.14 -15.81 -3.14
N TRP A 71 8.94 -14.77 -2.90
CA TRP A 71 10.36 -14.81 -3.21
C TRP A 71 11.08 -15.77 -2.28
N THR A 72 10.65 -15.79 -1.02
CA THR A 72 11.20 -16.70 -0.04
C THR A 72 11.10 -18.14 -0.47
N MET A 73 10.00 -18.52 -1.08
CA MET A 73 9.75 -19.90 -1.42
C MET A 73 10.44 -20.24 -2.73
N GLU A 74 10.36 -19.34 -3.70
CA GLU A 74 11.11 -19.46 -4.95
C GLU A 74 12.59 -19.63 -4.71
N GLU A 75 13.12 -18.80 -3.83
CA GLU A 75 14.53 -18.83 -3.48
C GLU A 75 14.97 -20.16 -2.87
N ARG A 76 14.07 -20.92 -2.25
CA ARG A 76 14.40 -22.24 -1.68
C ARG A 76 13.74 -23.38 -2.46
N GLY A 77 13.48 -23.15 -3.74
CA GLY A 77 13.09 -24.20 -4.67
C GLY A 77 11.65 -24.65 -4.68
N LEU A 78 10.74 -23.80 -4.24
CA LEU A 78 9.37 -24.22 -3.95
C LEU A 78 8.34 -23.39 -4.66
N ALA A 79 7.22 -24.05 -4.97
CA ALA A 79 6.03 -23.40 -5.50
C ALA A 79 5.55 -22.46 -4.44
N PRO A 80 5.23 -21.21 -4.81
CA PRO A 80 4.51 -20.36 -3.85
C PRO A 80 3.12 -20.94 -3.57
N LYS A 81 2.46 -20.47 -2.51
CA LYS A 81 1.12 -20.97 -2.18
C LYS A 81 0.07 -19.87 -2.13
N PHE A 82 -0.76 -19.82 -3.17
CA PHE A 82 -1.91 -18.92 -3.22
C PHE A 82 -3.11 -19.60 -2.58
N ASP A 83 -3.72 -18.97 -1.57
CA ASP A 83 -4.99 -19.43 -1.00
C ASP A 83 -6.12 -18.98 -1.91
N THR A 84 -6.19 -17.67 -2.13
CA THR A 84 -7.28 -17.05 -2.87
C THR A 84 -6.76 -16.25 -4.07
N THR A 85 -7.67 -15.94 -4.99
CA THR A 85 -7.39 -15.15 -6.18
C THR A 85 -7.36 -13.65 -5.87
N PHE A 86 -7.01 -12.82 -6.84
CA PHE A 86 -7.09 -11.36 -6.64
C PHE A 86 -8.52 -10.87 -6.69
N GLU A 87 -9.32 -11.46 -7.60
CA GLU A 87 -10.76 -11.16 -7.70
C GLU A 87 -11.46 -11.47 -6.39
N SER A 88 -11.33 -12.72 -5.94
CA SER A 88 -12.05 -13.19 -4.75
C SER A 88 -11.53 -12.62 -3.42
N ALA A 89 -10.33 -12.04 -3.40
CA ALA A 89 -9.76 -11.48 -2.16
C ALA A 89 -10.59 -10.33 -1.60
N ARG A 90 -10.77 -10.32 -0.29
CA ARG A 90 -11.63 -9.34 0.37
C ARG A 90 -10.76 -8.44 1.22
N PRO A 91 -10.95 -7.11 1.14
CA PRO A 91 -10.28 -6.14 2.01
C PRO A 91 -10.25 -6.52 3.49
N THR A 92 -9.17 -6.19 4.17
CA THR A 92 -9.00 -6.57 5.57
C THR A 92 -9.43 -5.44 6.49
N GLN A 93 -9.42 -5.72 7.79
CA GLN A 93 -9.69 -4.71 8.81
C GLN A 93 -8.79 -3.49 8.62
N THR A 94 -7.53 -3.73 8.27
CA THR A 94 -6.58 -2.66 8.00
C THR A 94 -6.96 -1.83 6.77
N HIS A 95 -7.34 -2.50 5.69
CA HIS A 95 -7.81 -1.81 4.49
C HIS A 95 -8.97 -0.90 4.81
N MET A 96 -9.89 -1.40 5.64
CA MET A 96 -11.10 -0.69 5.98
C MET A 96 -10.83 0.40 7.01
N ALA A 97 -10.02 0.09 8.02
CA ALA A 97 -9.58 1.11 8.99
C ALA A 97 -8.95 2.30 8.29
N LEU A 98 -8.14 2.01 7.27
CA LEU A 98 -7.51 3.07 6.51
C LEU A 98 -8.53 3.94 5.81
N VAL A 99 -9.57 3.31 5.25
CA VAL A 99 -10.69 4.01 4.58
C VAL A 99 -11.31 5.05 5.50
N GLN A 100 -11.68 4.59 6.69
CA GLN A 100 -12.29 5.43 7.72
C GLN A 100 -11.35 6.56 8.16
N LEU A 101 -10.08 6.23 8.39
CA LEU A 101 -9.11 7.23 8.82
C LEU A 101 -8.97 8.40 7.85
N GLU A 102 -9.22 8.14 6.57
CA GLU A 102 -9.27 9.19 5.56
C GLU A 102 -10.54 10.01 5.72
N ARG A 103 -11.68 9.34 5.89
CA ARG A 103 -12.99 10.03 6.00
C ARG A 103 -13.01 11.10 7.09
N VAL A 104 -12.35 10.82 8.21
CA VAL A 104 -12.33 11.76 9.34
C VAL A 104 -11.07 12.66 9.37
N GLY A 105 -10.36 12.77 8.25
CA GLY A 105 -9.18 13.65 8.15
C GLY A 105 -7.98 13.30 9.01
N LEU A 106 -7.94 12.08 9.57
CA LEU A 106 -6.77 11.60 10.32
C LEU A 106 -5.69 10.96 9.45
N LEU A 107 -5.95 10.86 8.15
CA LEU A 107 -5.02 10.34 7.16
C LEU A 107 -4.98 11.34 6.00
N ARG A 108 -3.82 11.97 5.78
CA ARG A 108 -3.66 12.90 4.65
C ARG A 108 -3.54 12.18 3.31
N PHE A 109 -2.68 11.16 3.27
CA PHE A 109 -2.35 10.45 2.02
C PHE A 109 -1.96 9.01 2.29
N LEU A 110 -2.15 8.16 1.29
CA LEU A 110 -1.82 6.74 1.38
C LEU A 110 -0.88 6.36 0.24
N VAL A 111 0.22 5.69 0.60
CA VAL A 111 1.25 5.29 -0.35
C VAL A 111 1.32 3.78 -0.27
N SER A 112 1.16 3.10 -1.41
CA SER A 112 1.07 1.65 -1.40
C SER A 112 1.99 1.03 -2.43
N GLN A 113 2.66 -0.04 -2.01
CA GLN A 113 3.48 -0.86 -2.87
C GLN A 113 2.68 -2.03 -3.42
N ASN A 114 1.45 -2.22 -2.95
CA ASN A 114 0.67 -3.40 -3.29
C ASN A 114 0.01 -3.32 -4.63
N VAL A 115 0.18 -4.36 -5.45
CA VAL A 115 -0.59 -4.51 -6.67
C VAL A 115 -1.91 -5.28 -6.54
N ASP A 116 -2.36 -5.58 -5.33
CA ASP A 116 -3.56 -6.43 -5.13
C ASP A 116 -4.88 -5.78 -5.57
N GLY A 117 -4.86 -4.47 -5.76
CA GLY A 117 -6.03 -3.73 -6.19
C GLY A 117 -7.00 -3.41 -5.06
N LEU A 118 -6.72 -3.94 -3.85
CA LEU A 118 -7.68 -3.92 -2.74
C LEU A 118 -7.83 -2.56 -2.06
N HIS A 119 -6.88 -1.63 -2.22
CA HIS A 119 -7.11 -0.31 -1.64
C HIS A 119 -8.25 0.32 -2.41
N VAL A 120 -8.10 0.32 -3.74
CA VAL A 120 -9.13 0.89 -4.63
C VAL A 120 -10.47 0.19 -4.41
N ARG A 121 -10.47 -1.13 -4.36
CA ARG A 121 -11.71 -1.88 -4.12
C ARG A 121 -12.28 -1.73 -2.69
N SER A 122 -11.44 -1.39 -1.70
CA SER A 122 -11.92 -1.08 -0.34
C SER A 122 -12.81 0.15 -0.30
N GLY A 123 -12.73 0.99 -1.33
CA GLY A 123 -13.47 2.23 -1.39
C GLY A 123 -12.57 3.42 -1.18
N PHE A 124 -11.28 3.18 -0.95
CA PHE A 124 -10.36 4.26 -0.66
C PHE A 124 -10.28 5.22 -1.85
N PRO A 125 -10.38 6.53 -1.60
CA PRO A 125 -10.37 7.48 -2.71
C PRO A 125 -9.06 7.53 -3.47
N ARG A 126 -9.15 7.26 -4.77
CA ARG A 126 -7.98 7.20 -5.63
C ARG A 126 -7.13 8.48 -5.63
N ASP A 127 -7.74 9.65 -5.49
CA ASP A 127 -6.98 10.90 -5.52
C ASP A 127 -6.15 11.16 -4.26
N LYS A 128 -6.35 10.32 -3.23
CA LYS A 128 -5.47 10.31 -2.04
C LYS A 128 -4.58 9.04 -1.93
N LEU A 129 -4.35 8.37 -3.06
CA LEU A 129 -3.60 7.12 -3.11
C LEU A 129 -2.60 7.12 -4.26
N ALA A 130 -1.33 6.86 -3.91
CA ALA A 130 -0.29 6.52 -4.88
C ALA A 130 -0.09 5.02 -4.88
N GLU A 131 -0.38 4.38 -6.02
CA GLU A 131 -0.10 2.97 -6.20
C GLU A 131 1.23 2.86 -6.99
N LEU A 132 2.33 2.80 -6.24
CA LEU A 132 3.65 3.01 -6.81
C LEU A 132 4.15 1.86 -7.65
N HIS A 133 3.74 0.63 -7.35
CA HIS A 133 4.16 -0.51 -8.16
C HIS A 133 3.07 -1.01 -9.10
N GLY A 134 1.89 -0.37 -9.05
CA GLY A 134 0.82 -0.62 -10.03
C GLY A 134 -0.37 -1.28 -9.39
N ASN A 135 -1.25 -1.79 -10.24
CA ASN A 135 -2.53 -2.35 -9.82
C ASN A 135 -2.98 -3.38 -10.84
N MET A 136 -3.15 -4.63 -10.42
CA MET A 136 -3.56 -5.72 -11.32
C MET A 136 -4.80 -5.38 -12.16
N PHE A 137 -5.70 -4.58 -11.58
CA PHE A 137 -6.96 -4.19 -12.20
C PHE A 137 -6.91 -2.92 -13.02
N VAL A 138 -5.83 -2.16 -13.00
CA VAL A 138 -5.77 -0.91 -13.75
C VAL A 138 -4.90 -1.12 -14.95
N GLU A 139 -5.42 -0.73 -16.11
CA GLU A 139 -4.65 -0.65 -17.36
C GLU A 139 -4.69 0.78 -17.82
N GLU A 140 -3.73 1.17 -18.64
CA GLU A 140 -3.50 2.58 -18.97
C GLU A 140 -3.12 2.76 -20.43
N CYS A 141 -3.68 3.79 -21.06
CA CYS A 141 -3.43 4.06 -22.47
C CYS A 141 -2.07 4.69 -22.69
N ALA A 142 -1.28 4.09 -23.58
CA ALA A 142 0.07 4.56 -23.88
C ALA A 142 0.08 5.93 -24.54
N LYS A 143 -0.83 6.14 -25.50
CA LYS A 143 -0.98 7.42 -26.20
C LYS A 143 -1.38 8.55 -25.27
N CYS A 144 -2.55 8.41 -24.62
CA CYS A 144 -3.16 9.51 -23.87
C CYS A 144 -3.10 9.44 -22.34
N LYS A 145 -2.50 8.39 -21.77
CA LYS A 145 -2.31 8.24 -20.30
C LYS A 145 -3.58 7.91 -19.48
N THR A 146 -4.72 7.71 -20.14
CA THR A 146 -5.98 7.53 -19.45
C THR A 146 -6.00 6.13 -18.84
N GLN A 147 -6.47 6.06 -17.59
CA GLN A 147 -6.53 4.82 -16.86
C GLN A 147 -7.92 4.20 -16.85
N TYR A 148 -7.97 2.90 -16.60
CA TYR A 148 -9.19 2.11 -16.66
C TYR A 148 -9.22 1.14 -15.52
N VAL A 149 -9.97 1.43 -14.47
CA VAL A 149 -10.14 0.46 -13.39
C VAL A 149 -11.12 -0.63 -13.79
N ARG A 150 -10.71 -1.89 -13.74
CA ARG A 150 -11.57 -3.00 -14.19
C ARG A 150 -12.10 -3.80 -13.02
N ASP A 151 -13.10 -4.62 -13.31
CA ASP A 151 -13.67 -5.57 -12.35
C ASP A 151 -12.76 -6.77 -12.13
N THR A 152 -12.02 -7.14 -13.18
CA THR A 152 -11.12 -8.29 -13.17
C THR A 152 -9.75 -7.85 -13.65
N VAL A 153 -8.74 -8.67 -13.40
CA VAL A 153 -7.38 -8.27 -13.73
C VAL A 153 -7.22 -8.07 -15.24
N VAL A 154 -6.35 -7.14 -15.60
CA VAL A 154 -6.14 -6.77 -16.99
C VAL A 154 -5.40 -7.88 -17.74
N GLY A 155 -4.73 -8.76 -16.99
CA GLY A 155 -4.16 -9.98 -17.55
C GLY A 155 -2.79 -9.91 -18.19
N THR A 156 -2.04 -8.83 -17.97
CA THR A 156 -0.58 -8.83 -18.19
C THR A 156 0.14 -8.10 -17.06
N MET A 157 1.45 -8.36 -16.96
CA MET A 157 2.35 -7.62 -16.05
C MET A 157 3.58 -7.15 -16.82
N GLY A 158 4.39 -6.32 -16.16
CA GLY A 158 5.62 -5.81 -16.78
C GLY A 158 5.43 -4.70 -17.80
N LEU A 159 4.31 -3.98 -17.71
CA LEU A 159 3.91 -2.93 -18.66
C LEU A 159 3.73 -3.39 -20.12
N LYS A 160 3.37 -4.65 -20.29
CA LYS A 160 3.01 -5.21 -21.58
C LYS A 160 1.65 -4.69 -22.02
N ALA A 161 1.37 -4.82 -23.32
CA ALA A 161 0.04 -4.52 -23.86
C ALA A 161 -0.94 -5.62 -23.49
N THR A 162 -2.17 -5.24 -23.15
CA THR A 162 -3.22 -6.18 -22.77
C THR A 162 -4.10 -6.60 -23.94
N GLY A 163 -3.89 -6.02 -25.12
CA GLY A 163 -4.65 -6.38 -26.32
C GLY A 163 -6.05 -5.77 -26.33
N ARG A 164 -6.15 -4.52 -25.89
CA ARG A 164 -7.40 -3.75 -25.88
C ARG A 164 -7.04 -2.31 -26.18
N LEU A 165 -8.00 -1.57 -26.73
CA LEU A 165 -7.74 -0.19 -27.15
C LEU A 165 -8.57 0.84 -26.39
N CYS A 166 -8.03 2.05 -26.36
CA CYS A 166 -8.57 3.16 -25.60
C CYS A 166 -9.83 3.65 -26.29
N THR A 167 -10.87 3.90 -25.49
CA THR A 167 -12.20 4.26 -26.00
C THR A 167 -12.50 5.74 -25.86
N VAL A 168 -11.55 6.52 -25.35
CA VAL A 168 -11.69 7.97 -25.16
C VAL A 168 -11.95 8.66 -26.50
N ALA A 169 -13.04 9.45 -26.58
CA ALA A 169 -13.33 10.32 -27.71
C ALA A 169 -12.85 11.73 -27.38
N LYS A 170 -12.01 12.32 -28.24
CA LYS A 170 -11.27 13.56 -27.89
C LYS A 170 -12.09 14.87 -28.03
N ALA A 171 -11.62 15.95 -27.40
CA ALA A 171 -12.35 17.23 -27.31
C ALA A 171 -12.83 17.75 -28.68
N ARG A 172 -11.90 18.14 -29.55
CA ARG A 172 -12.22 18.48 -30.95
C ARG A 172 -12.27 17.18 -31.77
N GLY A 173 -13.31 17.02 -32.59
CA GLY A 173 -13.48 15.84 -33.45
C GLY A 173 -14.34 14.75 -32.85
N LEU A 174 -14.11 14.45 -31.57
CA LEU A 174 -14.75 13.33 -30.83
C LEU A 174 -14.85 12.02 -31.61
N ARG A 175 -13.67 11.52 -31.95
CA ARG A 175 -13.45 10.17 -32.50
C ARG A 175 -12.46 9.45 -31.56
N ALA A 176 -12.59 8.13 -31.47
CA ALA A 176 -11.82 7.29 -30.53
C ALA A 176 -10.30 7.44 -30.65
N CYS A 177 -9.62 7.40 -29.51
CA CYS A 177 -8.15 7.56 -29.42
C CYS A 177 -7.42 6.34 -29.95
N ARG A 178 -7.93 5.16 -29.57
CA ARG A 178 -7.44 3.87 -30.05
C ARG A 178 -5.96 3.63 -29.74
N GLY A 179 -5.43 4.23 -28.67
CA GLY A 179 -4.08 3.94 -28.22
C GLY A 179 -3.98 2.52 -27.65
N GLU A 180 -2.75 2.09 -27.37
CA GLU A 180 -2.50 0.77 -26.83
C GLU A 180 -2.70 0.79 -25.32
N LEU A 181 -3.58 -0.06 -24.81
CA LEU A 181 -3.76 -0.20 -23.37
C LEU A 181 -2.77 -1.21 -22.83
N ARG A 182 -2.09 -0.82 -21.75
CA ARG A 182 -1.08 -1.63 -21.07
C ARG A 182 -1.35 -1.75 -19.59
N ASP A 183 -0.92 -2.87 -19.00
CA ASP A 183 -0.95 -3.01 -17.55
C ASP A 183 -0.09 -1.95 -16.86
N THR A 184 -0.28 -1.83 -15.55
CA THR A 184 0.44 -0.86 -14.73
C THR A 184 1.47 -1.51 -13.80
N ILE A 185 1.61 -2.83 -13.90
CA ILE A 185 2.49 -3.60 -13.02
C ILE A 185 3.95 -3.38 -13.40
N LEU A 186 4.71 -2.79 -12.48
CA LEU A 186 6.12 -2.56 -12.71
C LEU A 186 6.86 -3.87 -12.60
N ASP A 187 7.82 -4.04 -13.50
CA ASP A 187 8.80 -5.10 -13.38
C ASP A 187 10.03 -4.56 -12.69
N TRP A 188 10.90 -5.47 -12.29
CA TRP A 188 12.18 -5.12 -11.68
C TRP A 188 12.84 -4.03 -12.50
N GLU A 189 13.19 -2.94 -11.84
CA GLU A 189 13.87 -1.81 -12.48
C GLU A 189 13.07 -0.97 -13.47
N ASP A 190 11.76 -1.21 -13.58
CA ASP A 190 10.89 -0.28 -14.35
C ASP A 190 10.77 1.05 -13.57
N SER A 191 10.66 2.16 -14.29
CA SER A 191 10.47 3.48 -13.68
C SER A 191 9.12 3.55 -12.99
N LEU A 192 9.09 4.16 -11.81
CA LEU A 192 7.84 4.41 -11.11
C LEU A 192 6.98 5.39 -11.89
N PRO A 193 5.67 5.42 -11.60
CA PRO A 193 4.76 6.41 -12.20
C PRO A 193 5.05 7.86 -11.72
N ASP A 194 5.20 8.78 -12.68
CA ASP A 194 5.57 10.18 -12.39
C ASP A 194 4.67 10.89 -11.41
N ARG A 195 3.38 10.93 -11.76
CA ARG A 195 2.37 11.58 -10.94
C ARG A 195 2.34 10.97 -9.55
N ASP A 196 2.16 9.66 -9.49
CA ASP A 196 1.94 8.96 -8.23
C ASP A 196 3.13 9.11 -7.27
N LEU A 197 4.35 9.02 -7.80
CA LEU A 197 5.56 9.19 -6.98
C LEU A 197 5.72 10.63 -6.48
N ALA A 198 5.44 11.59 -7.37
CA ALA A 198 5.48 13.00 -7.01
C ALA A 198 4.59 13.31 -5.84
N LEU A 199 3.34 12.85 -5.90
CA LEU A 199 2.37 13.09 -4.81
C LEU A 199 2.81 12.42 -3.50
N ALA A 200 3.23 11.16 -3.58
CA ALA A 200 3.77 10.41 -2.43
C ALA A 200 5.02 11.06 -1.82
N ASP A 201 5.95 11.51 -2.68
CA ASP A 201 7.13 12.26 -2.25
C ASP A 201 6.71 13.51 -1.45
N GLU A 202 5.89 14.38 -2.06
CA GLU A 202 5.35 15.58 -1.39
C GLU A 202 4.63 15.19 -0.11
N ALA A 203 3.69 14.26 -0.19
CA ALA A 203 2.94 13.82 0.99
C ALA A 203 3.86 13.45 2.14
N SER A 204 4.95 12.75 1.84
CA SER A 204 5.87 12.24 2.86
C SER A 204 6.86 13.27 3.40
N ARG A 205 7.29 14.22 2.59
CA ARG A 205 8.09 15.38 3.06
C ARG A 205 7.32 16.21 4.08
N ASN A 206 6.13 16.65 3.66
CA ASN A 206 5.28 17.54 4.46
C ASN A 206 4.45 16.79 5.50
N ALA A 207 4.44 15.45 5.46
CA ALA A 207 3.88 14.66 6.56
C ALA A 207 4.69 14.88 7.82
N ASP A 208 4.03 14.84 8.97
CA ASP A 208 4.73 14.88 10.26
C ASP A 208 4.64 13.59 11.06
N LEU A 209 3.75 12.68 10.66
CA LEU A 209 3.81 11.28 11.09
C LEU A 209 3.73 10.37 9.86
N SER A 210 4.74 9.51 9.67
CA SER A 210 4.68 8.40 8.70
C SER A 210 4.51 7.08 9.45
N ILE A 211 3.57 6.27 9.00
CA ILE A 211 3.31 4.97 9.61
C ILE A 211 3.42 3.94 8.49
N THR A 212 4.36 3.01 8.61
CA THR A 212 4.48 1.93 7.63
C THR A 212 3.78 0.70 8.17
N LEU A 213 2.97 0.06 7.33
CA LEU A 213 2.22 -1.13 7.72
C LEU A 213 2.54 -2.31 6.80
N GLY A 214 3.14 -3.36 7.34
CA GLY A 214 3.30 -4.58 6.58
C GLY A 214 4.18 -4.46 5.35
N THR A 215 5.27 -3.70 5.46
CA THR A 215 6.34 -3.71 4.46
C THR A 215 7.69 -3.90 5.16
N SER A 216 8.57 -4.70 4.55
CA SER A 216 9.94 -4.87 5.02
C SER A 216 10.87 -3.71 4.60
N LEU A 217 10.36 -2.79 3.78
CA LEU A 217 11.06 -1.55 3.39
C LEU A 217 12.40 -1.75 2.63
N GLN A 218 12.45 -2.82 1.85
CA GLN A 218 13.66 -3.21 1.16
C GLN A 218 13.72 -2.71 -0.28
N ILE A 219 12.59 -2.32 -0.86
CA ILE A 219 12.53 -1.83 -2.23
C ILE A 219 12.39 -0.33 -2.20
N ARG A 220 13.21 0.36 -3.01
CA ARG A 220 13.20 1.80 -3.15
C ARG A 220 12.56 2.16 -4.50
N PRO A 221 12.15 3.42 -4.71
CA PRO A 221 12.14 4.50 -3.71
C PRO A 221 11.01 4.41 -2.68
N SER A 222 10.06 3.53 -2.93
CA SER A 222 8.88 3.32 -2.08
C SER A 222 9.24 3.25 -0.60
N GLY A 223 10.16 2.35 -0.28
CA GLY A 223 10.56 2.09 1.10
C GLY A 223 11.40 3.16 1.79
N ASN A 224 11.83 4.18 1.06
CA ASN A 224 12.59 5.30 1.64
C ASN A 224 11.77 6.57 1.84
N LEU A 225 10.59 6.64 1.25
CA LEU A 225 9.70 7.78 1.48
C LEU A 225 9.40 8.01 2.98
N PRO A 226 9.11 6.94 3.77
CA PRO A 226 8.92 7.12 5.22
C PRO A 226 10.08 7.77 5.93
N LEU A 227 11.27 7.69 5.38
CA LEU A 227 12.40 8.36 5.97
C LEU A 227 12.40 9.87 5.75
N ALA A 228 11.98 10.35 4.58
CA ALA A 228 11.90 11.83 4.33
C ALA A 228 11.09 12.55 5.40
N THR A 229 10.05 11.89 5.91
CA THR A 229 9.31 12.39 7.06
C THR A 229 10.21 12.75 8.23
N LYS A 230 11.12 11.84 8.61
CA LYS A 230 12.07 12.10 9.72
C LYS A 230 13.08 13.19 9.42
N ARG A 231 13.71 13.17 8.24
CA ARG A 231 14.72 14.18 7.86
C ARG A 231 14.16 15.61 7.97
N ARG A 232 12.84 15.76 7.81
CA ARG A 232 12.19 17.07 7.94
C ARG A 232 11.52 17.25 9.32
N GLY A 233 12.05 16.60 10.35
CA GLY A 233 11.60 16.76 11.74
C GLY A 233 10.37 16.00 12.21
N GLY A 234 9.95 14.97 11.48
CA GLY A 234 8.71 14.21 11.79
C GLY A 234 8.96 12.97 12.64
N ARG A 235 7.90 12.18 12.87
CA ARG A 235 8.01 10.87 13.56
C ARG A 235 7.82 9.74 12.55
N LEU A 236 8.19 8.53 12.96
CA LEU A 236 8.09 7.33 12.12
C LEU A 236 7.66 6.11 12.91
N VAL A 237 6.51 5.53 12.57
CA VAL A 237 6.07 4.30 13.21
C VAL A 237 6.21 3.18 12.18
N ILE A 238 6.74 2.03 12.62
CA ILE A 238 6.92 0.85 11.77
C ILE A 238 6.16 -0.31 12.35
N VAL A 239 5.02 -0.63 11.74
CA VAL A 239 4.28 -1.80 12.10
C VAL A 239 4.65 -2.86 11.10
N ASN A 240 5.36 -3.89 11.57
CA ASN A 240 5.70 -5.03 10.76
C ASN A 240 6.11 -6.19 11.65
N LEU A 241 5.68 -7.41 11.32
CA LEU A 241 6.09 -8.60 12.06
C LEU A 241 7.60 -8.88 12.02
N GLN A 242 8.16 -9.06 10.82
CA GLN A 242 9.61 -9.14 10.65
C GLN A 242 10.28 -7.79 10.96
N PRO A 243 11.60 -7.82 11.15
CA PRO A 243 12.31 -6.55 11.15
C PRO A 243 12.30 -5.96 9.74
N THR A 244 12.51 -4.65 9.66
CA THR A 244 12.57 -3.93 8.39
C THR A 244 13.90 -3.23 8.28
N LYS A 245 14.21 -2.84 7.05
CA LYS A 245 15.46 -2.21 6.68
C LYS A 245 15.72 -0.92 7.45
N HIS A 246 14.68 -0.19 7.82
CA HIS A 246 14.84 1.07 8.55
C HIS A 246 14.44 1.03 10.03
N ASP A 247 14.33 -0.18 10.61
CA ASP A 247 14.07 -0.31 12.04
C ASP A 247 14.85 0.69 12.91
N ARG A 248 16.12 0.93 12.59
CA ARG A 248 16.95 1.84 13.38
C ARG A 248 16.39 3.29 13.45
N HIS A 249 15.70 3.74 12.41
CA HIS A 249 15.19 5.11 12.36
C HIS A 249 13.79 5.28 12.94
N ALA A 250 13.11 4.17 13.27
CA ALA A 250 11.74 4.25 13.81
C ALA A 250 11.70 4.88 15.19
N ASP A 251 10.80 5.85 15.37
CA ASP A 251 10.45 6.36 16.71
C ASP A 251 9.63 5.33 17.47
N LEU A 252 8.95 4.43 16.77
CA LEU A 252 8.17 3.37 17.42
C LEU A 252 8.05 2.16 16.49
N ARG A 253 8.62 1.02 16.88
CA ARG A 253 8.43 -0.25 16.17
C ARG A 253 7.37 -1.01 16.90
N ILE A 254 6.49 -1.66 16.16
CA ILE A 254 5.46 -2.54 16.69
C ILE A 254 5.63 -3.84 15.91
N HIS A 255 5.79 -4.96 16.61
CA HIS A 255 5.94 -6.26 15.98
C HIS A 255 4.69 -7.05 16.33
N GLY A 256 3.61 -6.75 15.62
CA GLY A 256 2.34 -7.46 15.82
C GLY A 256 1.60 -7.63 14.51
N TYR A 257 0.52 -8.40 14.54
CA TYR A 257 -0.37 -8.48 13.40
C TYR A 257 -0.98 -7.11 13.14
N VAL A 258 -1.03 -6.72 11.88
CA VAL A 258 -1.42 -5.37 11.51
C VAL A 258 -2.94 -5.21 11.66
N ASP A 259 -3.70 -6.27 11.38
CA ASP A 259 -5.16 -6.25 11.62
C ASP A 259 -5.45 -5.94 13.10
N GLU A 260 -4.79 -6.66 14.00
CA GLU A 260 -4.87 -6.40 15.46
C GLU A 260 -4.50 -4.98 15.88
N VAL A 261 -3.35 -4.49 15.42
CA VAL A 261 -2.88 -3.14 15.76
C VAL A 261 -3.91 -2.10 15.38
N MET A 262 -4.41 -2.19 14.15
CA MET A 262 -5.41 -1.24 13.63
C MET A 262 -6.74 -1.39 14.37
N THR A 263 -7.16 -2.63 14.62
CA THR A 263 -8.34 -2.94 15.43
C THR A 263 -8.27 -2.25 16.80
N ARG A 264 -7.12 -2.34 17.48
CA ARG A 264 -6.93 -1.63 18.76
C ARG A 264 -6.86 -0.13 18.54
N LEU A 265 -6.16 0.30 17.48
CA LEU A 265 -5.97 1.73 17.20
C LEU A 265 -7.28 2.48 17.00
N MET A 266 -8.21 1.83 16.31
CA MET A 266 -9.49 2.45 15.99
C MET A 266 -10.38 2.53 17.23
N LYS A 267 -10.25 1.57 18.16
CA LYS A 267 -10.90 1.68 19.47
C LYS A 267 -10.31 2.83 20.28
N HIS A 268 -8.99 2.88 20.41
CA HIS A 268 -8.31 3.98 21.13
C HIS A 268 -8.62 5.38 20.57
N LEU A 269 -9.05 5.45 19.30
CA LEU A 269 -9.50 6.72 18.69
C LEU A 269 -11.02 6.84 18.69
N GLY A 270 -11.70 5.80 19.19
CA GLY A 270 -13.16 5.74 19.21
C GLY A 270 -13.78 5.85 17.84
N LEU A 271 -13.46 4.88 16.96
CA LEU A 271 -13.96 4.88 15.58
C LEU A 271 -14.39 3.50 15.14
N GLU A 272 -15.44 3.46 14.32
CA GLU A 272 -15.95 2.21 13.78
C GLU A 272 -15.14 1.86 12.54
N ILE A 273 -14.81 0.59 12.39
CA ILE A 273 -14.24 0.06 11.14
C ILE A 273 -15.41 -0.42 10.26
N PRO A 274 -15.67 0.26 9.11
CA PRO A 274 -16.71 -0.21 8.20
C PRO A 274 -16.62 -1.66 7.78
N ALA A 275 -17.77 -2.24 7.43
CA ALA A 275 -17.80 -3.49 6.67
C ALA A 275 -17.66 -3.10 5.20
N TRP A 276 -17.44 -4.11 4.38
CA TRP A 276 -17.23 -3.91 2.96
C TRP A 276 -18.43 -4.50 2.23
N ASP A 277 -19.16 -3.63 1.50
CA ASP A 277 -20.31 -4.05 0.68
C ASP A 277 -19.91 -4.88 -0.54
N GLY A 278 -18.71 -4.60 -1.06
CA GLY A 278 -18.22 -5.17 -2.32
C GLY A 278 -17.44 -4.05 -3.01
N PRO A 279 -16.83 -4.33 -4.18
CA PRO A 279 -15.96 -3.36 -4.87
C PRO A 279 -16.60 -2.00 -5.22
N ARG A 280 -16.05 -0.91 -4.69
CA ARG A 280 -16.59 0.46 -4.88
C ARG A 280 -15.48 1.41 -5.32
N VAL A 281 -15.22 1.52 -6.62
CA VAL A 281 -14.19 2.45 -7.07
C VAL A 281 -14.66 3.87 -6.82
N LEU A 282 -13.91 4.58 -5.98
CA LEU A 282 -14.19 5.96 -5.61
C LEU A 282 -13.06 6.85 -6.14
N GLU A 283 -13.30 7.54 -7.25
CA GLU A 283 -12.28 8.38 -7.88
C GLU A 283 -11.83 9.58 -7.04
N ARG A 284 -12.76 10.27 -6.38
CA ARG A 284 -12.48 11.48 -5.58
C ARG A 284 -13.01 11.35 -4.18
N ALA A 285 -12.21 11.83 -3.22
CA ALA A 285 -12.56 11.74 -1.82
C ALA A 285 -13.78 12.58 -1.58
N LEU A 286 -14.62 12.12 -0.66
CA LEU A 286 -15.84 12.83 -0.28
C LEU A 286 -15.48 14.06 0.58
N PRO A 287 -16.48 14.91 0.90
CA PRO A 287 -16.18 15.99 1.86
C PRO A 287 -15.81 15.41 3.25
N PRO A 288 -14.80 15.98 3.93
CA PRO A 288 -14.38 15.39 5.22
C PRO A 288 -15.51 15.31 6.25
N LEU A 289 -15.57 14.21 7.01
CA LEU A 289 -16.45 14.12 8.19
C LEU A 289 -15.79 14.93 9.32
N PRO A 290 -16.57 15.32 10.35
CA PRO A 290 -15.95 16.09 11.42
C PRO A 290 -15.08 15.19 12.30
N ARG A 291 -13.94 15.74 12.73
CA ARG A 291 -12.92 15.00 13.51
C ARG A 291 -13.52 14.53 14.84
N PRO A 292 -13.37 13.24 15.19
CA PRO A 292 -14.15 12.62 16.29
C PRO A 292 -13.74 13.16 17.69
N PRO A 293 -14.39 12.66 18.77
CA PRO A 293 -13.99 13.11 20.12
C PRO A 293 -12.49 12.85 20.47
N THR A 294 -11.93 13.61 21.40
CA THR A 294 -10.53 13.41 21.84
C THR A 294 -10.35 11.99 22.41
N PRO A 295 -9.23 11.31 22.06
CA PRO A 295 -8.91 10.02 22.70
C PRO A 295 -8.76 10.09 24.23
N LYS A 296 -9.18 9.02 24.90
CA LYS A 296 -8.90 8.84 26.33
C LYS A 296 -7.43 8.48 26.52
N LEU A 297 -6.94 8.72 27.73
CA LEU A 297 -5.58 8.36 28.12
C LEU A 297 -5.60 6.93 28.71
N GLU A 298 -4.44 6.42 29.15
CA GLU A 298 -4.24 4.97 29.35
C GLU A 298 -4.80 4.42 30.68
N PRO A 299 -5.77 3.46 30.64
CA PRO A 299 -6.26 2.82 31.87
C PRO A 299 -5.84 1.35 32.00
N THR B 2 12.62 9.12 -14.06
CA THR B 2 13.53 7.93 -13.96
C THR B 2 13.89 7.64 -12.50
N ALA B 3 12.90 7.12 -11.76
CA ALA B 3 13.13 6.58 -10.42
C ALA B 3 12.73 5.11 -10.46
N ARG B 4 13.73 4.24 -10.53
CA ARG B 4 13.54 2.82 -10.80
C ARG B 4 13.29 2.01 -9.54
N LYS B 5 12.33 1.11 -9.64
CA LYS B 5 12.06 0.10 -8.64
C LYS B 5 13.26 -0.83 -8.54
N SER B 6 14.05 -0.70 -7.48
CA SER B 6 15.10 -1.69 -7.20
C SER B 6 15.37 -1.77 -5.69
N THR B 7 16.42 -2.51 -5.32
CA THR B 7 16.93 -2.57 -3.95
C THR B 7 18.19 -1.72 -3.74
N GLY B 8 18.85 -1.28 -4.82
CA GLY B 8 20.04 -0.43 -4.72
C GLY B 8 21.33 -1.08 -4.23
N GLY B 9 21.86 -2.03 -5.01
CA GLY B 9 23.12 -2.71 -4.69
C GLY B 9 23.22 -4.11 -5.27
#